data_6R9O
#
_entry.id   6R9O
#
_cell.length_a   90.761
_cell.length_b   117.593
_cell.length_c   256.568
_cell.angle_alpha   90.000
_cell.angle_beta   90.000
_cell.angle_gamma   90.000
#
_symmetry.space_group_name_H-M   'I 2 2 2'
#
loop_
_entity.id
_entity.type
_entity.pdbx_description
1 polymer 'PAN2-PAN3 deadenylation complex catalytic subunit PAN2'
2 polymer 'AAGGA RNA'
#
loop_
_entity_poly.entity_id
_entity_poly.type
_entity_poly.pdbx_seq_one_letter_code
_entity_poly.pdbx_strand_id
1 'polypeptide(L)'
;MHHHHHHHHLEVLFQGPTSDIQTYTSINKYEVPPAYSRLPLTSGRFGTDNFDFTPFNNTEYSGLDPDVDNHYTNAIIQLY
RFIPEMFNFVVGCLKDENFETTLLTDLGYLFDMMERSHGKICSSSNFQASLKSLTDKRQLENGEPQEHLEEYLESLCIRE
SIEDFNSSESIKRNMPQKFNRFLLSQLIKEEAQTVNHNITLNQCFGLETEIRTECSCDHYDTTVKLLPSLSISGINKTVI
KQLNKKSNGQNILPYIEYAMKNVTQKNSICPTCGKTETITQECTVKNLPSVLSLELSLLDTEFSNIRSSKNWLTSEFYGS
IIKNKAVLRSTASELKGTSHIFKYELNGYVAKITDNNNETRLVTYVKKYNPKENCFKWLMFNDYLVVEITEEEALKMTYP
WKTPEIIIYCDAEELRKPFFSVDTYSINYDILFRDYFANGIRDTARREYKLLTHDEAPKSGTLVAIDAAFVSLQSELCEI
DHQGIRSIIRPKRTALARISIIRGEEGELYGVPFVDDYVVNTNHIEDYLTRYSGILPGDLDPEKSTKRLVRRNVVYRKVW
LLMQLGCVFVGHGLNNDFKHININVPRNQIRDTAIYFLQGKRYLSLRYLAYVLLGMNIQEGNHDSIEDAHTALILYKKYL
HLKEKAIFEKVLNSVYEEGRAHNFKVPETSKG
;
A
2 'polyribonucleotide' AAGGA B
#
# COMPACT_ATOMS: atom_id res chain seq x y z
N SER A 19 -5.83 7.62 -25.57
CA SER A 19 -7.11 6.93 -25.72
C SER A 19 -8.27 7.82 -25.28
N ASP A 20 -7.96 9.09 -25.02
CA ASP A 20 -8.94 10.07 -24.56
C ASP A 20 -9.63 9.58 -23.28
N ILE A 21 -8.81 9.18 -22.31
CA ILE A 21 -9.32 8.70 -21.04
C ILE A 21 -8.97 9.62 -19.88
N GLN A 22 -7.81 10.29 -19.92
CA GLN A 22 -7.42 11.21 -18.87
C GLN A 22 -8.30 12.45 -18.79
N THR A 23 -9.30 12.58 -19.65
CA THR A 23 -10.24 13.68 -19.56
C THR A 23 -11.09 13.52 -18.30
N TYR A 24 -10.98 14.49 -17.39
CA TYR A 24 -11.67 14.43 -16.11
C TYR A 24 -12.85 15.39 -16.04
N THR A 25 -13.30 15.92 -17.16
CA THR A 25 -14.43 16.83 -17.20
C THR A 25 -15.33 16.46 -18.38
N SER A 26 -16.51 17.07 -18.41
CA SER A 26 -17.48 16.81 -19.48
C SER A 26 -18.33 18.06 -19.67
N ILE A 27 -19.35 17.95 -20.51
CA ILE A 27 -20.26 19.06 -20.77
C ILE A 27 -21.59 18.93 -20.03
N ASN A 28 -21.93 17.73 -19.56
CA ASN A 28 -23.16 17.49 -18.82
C ASN A 28 -22.83 17.00 -17.42
N LYS A 29 -23.68 17.38 -16.46
CA LYS A 29 -23.46 16.96 -15.08
C LYS A 29 -23.70 15.47 -14.90
N TYR A 30 -24.59 14.88 -15.70
CA TYR A 30 -24.89 13.46 -15.58
C TYR A 30 -23.84 12.59 -16.27
N GLU A 31 -23.16 13.12 -17.28
CA GLU A 31 -22.15 12.36 -18.00
C GLU A 31 -20.89 12.27 -17.17
N VAL A 32 -20.50 11.05 -16.80
CA VAL A 32 -19.29 10.86 -15.99
C VAL A 32 -18.09 10.91 -16.92
N PRO A 33 -17.04 11.68 -16.58
CA PRO A 33 -15.84 11.72 -17.42
C PRO A 33 -15.19 10.36 -17.51
N PRO A 34 -14.38 10.12 -18.55
CA PRO A 34 -13.69 8.83 -18.66
C PRO A 34 -12.72 8.55 -17.54
N ALA A 35 -12.27 9.58 -16.82
CA ALA A 35 -11.32 9.36 -15.72
C ALA A 35 -11.94 8.60 -14.57
N TYR A 36 -13.25 8.77 -14.34
CA TYR A 36 -13.95 8.12 -13.25
C TYR A 36 -14.64 6.83 -13.67
N SER A 37 -14.34 6.31 -14.86
CA SER A 37 -14.97 5.10 -15.35
C SER A 37 -14.23 3.86 -14.83
N ARG A 38 -14.83 2.69 -15.07
CA ARG A 38 -14.15 1.46 -14.69
C ARG A 38 -12.97 1.21 -15.61
N LEU A 39 -11.86 0.79 -15.01
CA LEU A 39 -10.63 0.47 -15.72
C LEU A 39 -10.50 -1.03 -15.89
N PRO A 40 -9.86 -1.49 -16.97
CA PRO A 40 -9.69 -2.93 -17.16
C PRO A 40 -8.58 -3.49 -16.28
N LEU A 41 -8.71 -4.78 -15.96
CA LEU A 41 -7.74 -5.44 -15.11
C LEU A 41 -6.37 -5.47 -15.77
N THR A 42 -5.34 -5.59 -14.95
CA THR A 42 -3.97 -5.61 -15.46
C THR A 42 -3.62 -6.97 -16.06
N SER A 43 -3.98 -8.05 -15.38
CA SER A 43 -3.73 -9.42 -15.85
C SER A 43 -2.26 -9.65 -16.18
N ASP A 49 2.12 -10.07 -17.05
CA ASP A 49 1.82 -9.56 -18.38
C ASP A 49 2.16 -8.08 -18.50
N ASN A 50 2.85 -7.72 -19.58
CA ASN A 50 3.25 -6.34 -19.79
C ASN A 50 2.05 -5.47 -20.09
N PHE A 51 1.96 -4.32 -19.43
CA PHE A 51 0.84 -3.40 -19.58
C PHE A 51 1.40 -1.99 -19.69
N ASP A 52 1.14 -1.32 -20.81
CA ASP A 52 1.59 0.05 -21.00
C ASP A 52 0.73 0.98 -20.16
N PHE A 53 1.36 1.63 -19.18
CA PHE A 53 0.67 2.54 -18.28
C PHE A 53 0.93 4.01 -18.59
N THR A 54 1.68 4.30 -19.66
CA THR A 54 2.01 5.68 -20.01
C THR A 54 0.81 6.53 -20.46
N PRO A 55 -0.28 5.97 -20.99
CA PRO A 55 -1.45 6.81 -21.26
C PRO A 55 -2.37 7.00 -20.07
N PHE A 56 -2.01 6.48 -18.89
CA PHE A 56 -2.86 6.56 -17.72
C PHE A 56 -2.36 7.51 -16.65
N ASN A 57 -1.07 7.83 -16.62
CA ASN A 57 -0.54 8.80 -15.68
C ASN A 57 0.73 9.41 -16.24
N ASN A 58 0.73 10.72 -16.45
CA ASN A 58 1.89 11.45 -16.92
C ASN A 58 2.68 12.10 -15.79
N THR A 59 2.30 11.86 -14.54
CA THR A 59 2.94 12.45 -13.38
C THR A 59 3.81 11.43 -12.66
N GLU A 60 4.66 11.93 -11.78
CA GLU A 60 5.57 11.10 -10.99
C GLU A 60 4.88 10.48 -9.77
N TYR A 61 3.55 10.52 -9.70
CA TYR A 61 2.81 9.97 -8.58
C TYR A 61 2.17 8.67 -9.01
N SER A 62 2.46 7.58 -8.29
CA SER A 62 2.12 6.24 -8.71
C SER A 62 0.65 5.93 -8.45
N GLY A 63 0.21 4.79 -8.99
CA GLY A 63 -1.10 4.25 -8.75
C GLY A 63 -1.02 2.83 -8.21
N LEU A 64 -2.19 2.29 -7.88
CA LEU A 64 -2.29 0.99 -7.24
C LEU A 64 -2.93 -0.03 -8.17
N ASP A 65 -2.36 -1.23 -8.19
CA ASP A 65 -2.89 -2.32 -9.00
C ASP A 65 -4.27 -2.72 -8.49
N PRO A 66 -5.33 -2.58 -9.30
CA PRO A 66 -6.67 -2.92 -8.82
C PRO A 66 -6.93 -4.43 -8.68
N ASP A 67 -5.95 -5.27 -9.00
CA ASP A 67 -6.12 -6.73 -8.90
C ASP A 67 -5.93 -7.15 -7.45
N VAL A 68 -6.89 -6.76 -6.61
CA VAL A 68 -6.90 -7.07 -5.19
C VAL A 68 -8.28 -7.58 -4.82
N ASP A 69 -8.39 -8.12 -3.61
CA ASP A 69 -9.65 -8.67 -3.12
C ASP A 69 -10.61 -7.58 -2.67
N ASN A 70 -10.21 -6.82 -1.65
CA ASN A 70 -10.95 -5.65 -1.21
C ASN A 70 -10.46 -4.44 -1.99
N HIS A 71 -11.33 -3.86 -2.81
CA HIS A 71 -10.91 -2.84 -3.76
C HIS A 71 -11.03 -1.42 -3.21
N TYR A 72 -11.89 -1.19 -2.21
CA TYR A 72 -12.07 0.16 -1.70
C TYR A 72 -10.85 0.66 -0.93
N THR A 73 -10.01 -0.25 -0.44
CA THR A 73 -8.86 0.14 0.37
C THR A 73 -7.81 0.91 -0.44
N ASN A 74 -7.77 0.70 -1.76
CA ASN A 74 -6.78 1.39 -2.58
C ASN A 74 -6.96 2.90 -2.54
N ALA A 75 -8.21 3.36 -2.51
CA ALA A 75 -8.45 4.79 -2.50
C ALA A 75 -8.05 5.44 -1.18
N ILE A 76 -8.12 4.68 -0.08
CA ILE A 76 -7.85 5.24 1.23
C ILE A 76 -6.35 5.31 1.50
N ILE A 77 -5.60 4.31 1.02
CA ILE A 77 -4.15 4.32 1.17
C ILE A 77 -3.55 5.54 0.47
N GLN A 78 -4.13 5.92 -0.67
CA GLN A 78 -3.65 7.08 -1.41
C GLN A 78 -3.94 8.38 -0.65
N LEU A 79 -5.01 8.39 0.15
CA LEU A 79 -5.35 9.58 0.92
C LEU A 79 -4.31 9.86 2.00
N TYR A 80 -3.95 8.83 2.77
CA TYR A 80 -2.96 8.97 3.83
C TYR A 80 -1.53 9.06 3.31
N ARG A 81 -1.33 8.85 2.01
CA ARG A 81 0.01 9.02 1.42
C ARG A 81 0.44 10.49 1.46
N PHE A 82 -0.49 11.40 1.19
CA PHE A 82 -0.16 12.79 0.95
C PHE A 82 -0.36 13.68 2.18
N ILE A 83 -0.37 13.08 3.37
CA ILE A 83 -0.29 13.84 4.62
C ILE A 83 1.15 13.80 5.09
N PRO A 84 1.83 14.94 5.23
CA PRO A 84 3.24 14.90 5.64
C PRO A 84 3.46 14.20 6.98
N GLU A 85 2.60 14.45 7.96
CA GLU A 85 2.76 13.78 9.25
C GLU A 85 2.46 12.29 9.15
N MET A 86 1.41 11.92 8.43
CA MET A 86 1.06 10.50 8.31
C MET A 86 2.09 9.74 7.49
N PHE A 87 2.60 10.37 6.43
CA PHE A 87 3.58 9.68 5.58
C PHE A 87 4.93 9.55 6.28
N ASN A 88 5.46 10.66 6.80
CA ASN A 88 6.82 10.66 7.34
C ASN A 88 6.98 9.74 8.54
N PHE A 89 5.88 9.42 9.24
CA PHE A 89 5.99 8.56 10.41
C PHE A 89 5.98 7.08 10.02
N VAL A 90 4.99 6.67 9.21
CA VAL A 90 4.90 5.26 8.81
C VAL A 90 6.14 4.85 8.03
N VAL A 91 6.65 5.73 7.16
CA VAL A 91 7.91 5.46 6.49
C VAL A 91 9.07 5.56 7.49
N GLY A 92 8.96 6.52 8.43
CA GLY A 92 10.00 6.68 9.43
C GLY A 92 10.14 5.50 10.37
N CYS A 93 9.12 4.66 10.48
CA CYS A 93 9.19 3.47 11.31
C CYS A 93 9.96 2.33 10.66
N LEU A 94 10.56 2.56 9.50
CA LEU A 94 11.27 1.51 8.78
C LEU A 94 12.75 1.44 9.12
N LYS A 95 13.29 2.44 9.83
CA LYS A 95 14.69 2.35 10.27
C LYS A 95 14.87 1.21 11.26
N ASP A 96 13.87 0.97 12.10
CA ASP A 96 13.91 -0.08 13.11
C ASP A 96 13.08 -1.27 12.66
N GLU A 97 13.49 -2.46 13.09
CA GLU A 97 12.81 -3.69 12.72
C GLU A 97 11.62 -3.92 13.66
N ASN A 98 10.41 -3.76 13.13
CA ASN A 98 9.17 -3.96 13.89
C ASN A 98 8.31 -4.96 13.13
N PHE A 99 8.54 -6.25 13.37
CA PHE A 99 7.75 -7.29 12.71
C PHE A 99 6.48 -7.62 13.49
N GLU A 100 6.44 -7.34 14.79
CA GLU A 100 5.23 -7.59 15.56
C GLU A 100 4.07 -6.74 15.07
N THR A 101 4.35 -5.49 14.70
CA THR A 101 3.33 -4.60 14.14
C THR A 101 3.29 -4.84 12.63
N THR A 102 2.28 -5.60 12.18
CA THR A 102 2.22 -5.99 10.79
C THR A 102 1.65 -4.89 9.91
N LEU A 103 0.49 -4.34 10.29
CA LEU A 103 -0.16 -3.33 9.47
C LEU A 103 0.62 -2.02 9.40
N LEU A 104 1.45 -1.74 10.41
CA LEU A 104 2.21 -0.50 10.41
C LEU A 104 3.40 -0.56 9.46
N THR A 105 4.12 -1.69 9.45
CA THR A 105 5.31 -1.80 8.60
C THR A 105 4.94 -2.14 7.16
N ASP A 106 3.91 -2.95 6.96
CA ASP A 106 3.46 -3.25 5.60
C ASP A 106 2.95 -2.01 4.91
N LEU A 107 2.26 -1.12 5.65
CA LEU A 107 1.91 0.18 5.12
C LEU A 107 3.15 1.03 4.89
N GLY A 108 4.17 0.87 5.73
CA GLY A 108 5.42 1.58 5.52
C GLY A 108 6.14 1.12 4.28
N TYR A 109 6.24 -0.20 4.09
CA TYR A 109 6.80 -0.74 2.85
C TYR A 109 6.01 -0.24 1.64
N LEU A 110 4.68 -0.24 1.74
CA LEU A 110 3.86 0.23 0.64
C LEU A 110 4.07 1.73 0.40
N PHE A 111 4.05 2.52 1.47
CA PHE A 111 4.23 3.97 1.33
C PHE A 111 5.60 4.30 0.77
N ASP A 112 6.64 3.59 1.22
CA ASP A 112 7.99 3.85 0.75
C ASP A 112 8.15 3.47 -0.71
N MET A 113 7.67 2.28 -1.09
CA MET A 113 7.84 1.80 -2.46
C MET A 113 7.06 2.65 -3.45
N MET A 114 5.91 3.20 -3.05
CA MET A 114 5.15 4.06 -3.94
C MET A 114 5.87 5.36 -4.23
N GLU A 115 6.61 5.90 -3.26
CA GLU A 115 7.41 7.10 -3.52
C GLU A 115 8.64 6.76 -4.36
N ARG A 116 9.16 5.54 -4.24
CA ARG A 116 10.32 5.14 -5.03
C ARG A 116 9.97 4.98 -6.50
N SER A 117 8.77 4.45 -6.78
CA SER A 117 8.39 4.14 -8.16
C SER A 117 8.37 5.40 -9.04
N HIS A 118 8.02 6.54 -8.47
CA HIS A 118 8.00 7.82 -9.19
C HIS A 118 7.11 7.73 -10.43
N GLY A 119 5.92 7.15 -10.26
CA GLY A 119 4.95 6.99 -11.33
C GLY A 119 4.70 5.55 -11.73
N LYS A 120 5.69 4.67 -11.54
CA LYS A 120 5.53 3.29 -11.90
C LYS A 120 4.41 2.63 -11.10
N ILE A 121 3.87 1.54 -11.65
CA ILE A 121 2.74 0.88 -11.02
C ILE A 121 3.16 0.29 -9.67
N CYS A 122 2.19 0.19 -8.76
CA CYS A 122 2.40 -0.37 -7.44
C CYS A 122 1.23 -1.26 -7.07
N SER A 123 1.48 -2.21 -6.18
CA SER A 123 0.46 -3.13 -5.71
C SER A 123 0.44 -3.17 -4.20
N SER A 124 -0.75 -3.33 -3.63
CA SER A 124 -0.94 -3.44 -2.19
C SER A 124 -1.21 -4.88 -1.76
N SER A 125 -0.84 -5.85 -2.60
CA SER A 125 -1.14 -7.25 -2.29
C SER A 125 -0.52 -7.68 -0.96
N ASN A 126 0.70 -7.23 -0.68
CA ASN A 126 1.33 -7.58 0.58
C ASN A 126 0.65 -6.89 1.75
N PHE A 127 0.22 -5.64 1.56
CA PHE A 127 -0.55 -4.95 2.58
C PHE A 127 -1.90 -5.62 2.81
N GLN A 128 -2.50 -6.17 1.75
CA GLN A 128 -3.82 -6.79 1.89
C GLN A 128 -3.72 -8.18 2.49
N ALA A 129 -2.66 -8.93 2.19
CA ALA A 129 -2.47 -10.22 2.82
C ALA A 129 -2.21 -10.10 4.31
N SER A 130 -1.69 -8.96 4.77
CA SER A 130 -1.52 -8.73 6.19
C SER A 130 -2.82 -8.28 6.85
N LEU A 131 -3.68 -7.58 6.10
CA LEU A 131 -4.97 -7.16 6.65
C LEU A 131 -5.95 -8.32 6.75
N LYS A 132 -5.85 -9.29 5.84
CA LYS A 132 -6.73 -10.45 5.89
C LYS A 132 -6.32 -11.42 6.99
N SER A 133 -5.02 -11.61 7.18
CA SER A 133 -4.55 -12.50 8.24
C SER A 133 -4.79 -11.90 9.62
N LEU A 134 -4.67 -10.57 9.75
CA LEU A 134 -4.96 -9.93 11.02
C LEU A 134 -6.44 -9.99 11.37
N THR A 135 -7.30 -9.96 10.35
CA THR A 135 -8.74 -10.03 10.59
C THR A 135 -9.19 -11.44 10.93
N ASP A 136 -8.71 -12.44 10.18
CA ASP A 136 -9.05 -13.83 10.45
C ASP A 136 -8.53 -14.33 11.79
N LYS A 137 -7.70 -13.53 12.48
CA LYS A 137 -7.20 -13.88 13.80
C LYS A 137 -8.23 -13.66 14.90
N ARG A 138 -9.48 -13.35 14.54
CA ARG A 138 -10.56 -13.14 15.52
C ARG A 138 -11.14 -14.49 15.93
N GLN A 139 -10.35 -15.23 16.70
CA GLN A 139 -10.76 -16.54 17.18
C GLN A 139 -10.09 -16.87 18.51
N GLU A 144 -10.40 -2.72 20.29
CA GLU A 144 -11.48 -2.52 19.32
C GLU A 144 -12.49 -3.65 19.37
N PRO A 145 -13.78 -3.32 19.23
CA PRO A 145 -14.81 -4.37 19.25
C PRO A 145 -14.65 -5.33 18.09
N GLN A 146 -15.19 -6.54 18.27
CA GLN A 146 -15.12 -7.55 17.23
C GLN A 146 -15.92 -7.14 16.00
N GLU A 147 -16.94 -6.30 16.17
CA GLU A 147 -17.71 -5.80 15.04
C GLU A 147 -16.83 -5.04 14.05
N HIS A 148 -15.70 -4.49 14.51
CA HIS A 148 -14.74 -3.88 13.60
C HIS A 148 -14.20 -4.90 12.60
N LEU A 149 -13.60 -5.98 13.11
CA LEU A 149 -12.96 -6.95 12.25
C LEU A 149 -13.98 -7.80 11.50
N GLU A 150 -15.13 -8.07 12.11
CA GLU A 150 -16.13 -8.92 11.46
C GLU A 150 -16.68 -8.28 10.19
N GLU A 151 -16.90 -6.96 10.21
CA GLU A 151 -17.43 -6.28 9.04
C GLU A 151 -16.40 -6.24 7.92
N TYR A 152 -15.14 -5.99 8.26
CA TYR A 152 -14.10 -5.90 7.23
C TYR A 152 -13.85 -7.24 6.55
N LEU A 153 -14.09 -8.34 7.26
CA LEU A 153 -13.87 -9.66 6.67
C LEU A 153 -14.87 -9.95 5.56
N GLU A 154 -16.13 -9.59 5.77
CA GLU A 154 -17.17 -9.91 4.79
C GLU A 154 -16.99 -9.12 3.49
N SER A 155 -16.47 -7.89 3.58
CA SER A 155 -16.31 -7.08 2.38
C SER A 155 -15.12 -7.52 1.55
N LEU A 156 -14.10 -8.12 2.19
CA LEU A 156 -12.94 -8.57 1.44
C LEU A 156 -13.27 -9.77 0.57
N CYS A 157 -14.08 -10.69 1.08
CA CYS A 157 -14.45 -11.90 0.35
C CYS A 157 -15.48 -11.64 -0.75
N ILE A 158 -15.93 -10.40 -0.92
CA ILE A 158 -16.90 -10.07 -1.95
C ILE A 158 -16.76 -8.61 -2.36
N GLU A 169 -14.57 -3.21 -6.79
CA GLU A 169 -15.64 -4.06 -6.29
C GLU A 169 -16.92 -3.25 -6.09
N SER A 170 -17.97 -3.92 -5.61
CA SER A 170 -19.25 -3.27 -5.34
C SER A 170 -19.14 -2.54 -4.00
N ILE A 171 -19.14 -1.22 -4.05
CA ILE A 171 -19.03 -0.42 -2.83
C ILE A 171 -20.35 -0.48 -2.07
N LYS A 172 -20.29 -0.84 -0.80
CA LYS A 172 -21.47 -0.93 0.04
C LYS A 172 -21.75 0.41 0.71
N ARG A 173 -22.89 0.47 1.40
CA ARG A 173 -23.30 1.69 2.08
C ARG A 173 -22.48 1.88 3.34
N ASN A 174 -21.93 3.09 3.52
CA ASN A 174 -21.20 3.51 4.71
C ASN A 174 -20.11 2.52 5.12
N MET A 175 -19.61 1.74 4.16
CA MET A 175 -18.50 0.82 4.40
C MET A 175 -17.11 1.47 4.37
N PRO A 176 -16.80 2.36 3.41
CA PRO A 176 -15.43 2.92 3.38
C PRO A 176 -15.03 3.64 4.65
N GLN A 177 -15.90 4.49 5.19
CA GLN A 177 -15.58 5.14 6.47
C GLN A 177 -15.51 4.14 7.61
N LYS A 178 -16.25 3.03 7.52
CA LYS A 178 -16.12 1.98 8.52
C LYS A 178 -14.72 1.38 8.52
N PHE A 179 -14.09 1.30 7.36
CA PHE A 179 -12.69 0.86 7.29
C PHE A 179 -11.75 1.96 7.76
N ASN A 180 -12.12 3.22 7.57
CA ASN A 180 -11.27 4.33 7.99
C ASN A 180 -11.08 4.33 9.50
N ARG A 181 -12.18 4.20 10.25
CA ARG A 181 -12.07 4.12 11.70
C ARG A 181 -11.26 2.91 12.13
N PHE A 182 -11.41 1.80 11.40
CA PHE A 182 -10.65 0.59 11.73
C PHE A 182 -9.16 0.77 11.45
N LEU A 183 -8.82 1.36 10.31
CA LEU A 183 -7.42 1.48 9.92
C LEU A 183 -6.65 2.33 10.92
N LEU A 184 -7.18 3.51 11.25
CA LEU A 184 -6.49 4.39 12.19
C LEU A 184 -6.41 3.76 13.58
N SER A 185 -7.51 3.19 14.06
CA SER A 185 -7.50 2.54 15.37
C SER A 185 -6.50 1.39 15.41
N GLN A 186 -6.33 0.68 14.29
CA GLN A 186 -5.34 -0.39 14.24
C GLN A 186 -3.93 0.16 14.18
N LEU A 187 -3.76 1.35 13.57
CA LEU A 187 -2.44 1.98 13.55
C LEU A 187 -2.08 2.53 14.93
N ILE A 188 -3.04 3.16 15.61
CA ILE A 188 -2.79 3.69 16.95
C ILE A 188 -2.40 2.56 17.90
N LYS A 189 -3.11 1.44 17.84
CA LYS A 189 -2.81 0.31 18.72
C LYS A 189 -1.43 -0.26 18.43
N GLU A 190 -1.05 -0.33 17.15
CA GLU A 190 0.26 -0.87 16.79
C GLU A 190 1.37 0.17 16.96
N GLU A 191 1.04 1.45 16.86
CA GLU A 191 2.05 2.49 17.02
C GLU A 191 2.64 2.47 18.44
N ALA A 192 1.83 2.15 19.43
CA ALA A 192 2.29 2.05 20.81
C ALA A 192 3.02 0.74 21.10
N GLN A 193 3.19 -0.13 20.12
CA GLN A 193 3.87 -1.41 20.30
C GLN A 193 5.18 -1.49 19.55
N THR A 194 5.56 -0.45 18.80
CA THR A 194 6.84 -0.45 18.11
C THR A 194 7.96 -0.19 19.11
N VAL A 195 9.20 -0.41 18.67
CA VAL A 195 10.35 -0.09 19.50
C VAL A 195 10.40 1.43 19.70
N ASN A 196 10.96 1.84 20.84
CA ASN A 196 10.92 3.23 21.30
C ASN A 196 9.53 3.83 21.05
N HIS A 197 8.54 3.23 21.71
CA HIS A 197 7.12 3.44 21.43
C HIS A 197 6.79 4.91 21.20
N ASN A 198 6.02 5.16 20.14
CA ASN A 198 5.64 6.50 19.72
C ASN A 198 4.16 6.73 19.99
N ILE A 199 3.79 8.00 20.07
CA ILE A 199 2.40 8.42 20.14
C ILE A 199 2.15 9.48 19.08
N THR A 200 2.97 9.45 18.02
CA THR A 200 2.93 10.50 17.01
C THR A 200 1.58 10.54 16.29
N LEU A 201 0.97 9.38 16.08
CA LEU A 201 -0.32 9.34 15.39
C LEU A 201 -1.44 9.89 16.27
N ASN A 202 -1.32 9.74 17.60
CA ASN A 202 -2.29 10.35 18.50
C ASN A 202 -2.11 11.86 18.58
N GLN A 203 -0.88 12.35 18.43
CA GLN A 203 -0.64 13.78 18.40
C GLN A 203 -1.05 14.44 17.09
N CYS A 204 -1.53 13.67 16.13
CA CYS A 204 -2.02 14.18 14.86
C CYS A 204 -3.49 13.86 14.61
N PHE A 205 -3.95 12.68 15.00
CA PHE A 205 -5.34 12.28 14.80
C PHE A 205 -6.16 12.30 16.09
N GLY A 206 -5.52 12.47 17.25
CA GLY A 206 -6.20 12.35 18.52
C GLY A 206 -7.30 13.37 18.76
N LEU A 207 -8.52 12.87 18.99
CA LEU A 207 -9.67 13.70 19.33
C LEU A 207 -10.07 13.37 20.76
N GLU A 208 -9.68 14.23 21.70
CA GLU A 208 -10.03 14.02 23.10
C GLU A 208 -11.51 14.34 23.31
N THR A 209 -12.36 13.34 23.20
CA THR A 209 -13.82 13.50 23.26
C THR A 209 -14.33 12.97 24.58
N GLU A 210 -14.83 13.88 25.43
CA GLU A 210 -15.45 13.50 26.68
C GLU A 210 -16.93 13.25 26.45
N ILE A 211 -17.39 12.05 26.76
CA ILE A 211 -18.77 11.64 26.54
C ILE A 211 -19.51 11.66 27.86
N ARG A 212 -20.35 12.68 28.06
CA ARG A 212 -21.13 12.82 29.28
C ARG A 212 -22.54 12.30 29.06
N THR A 213 -23.08 11.65 30.07
CA THR A 213 -24.44 11.09 30.00
C THR A 213 -25.09 11.17 31.37
N GLU A 214 -26.35 11.59 31.39
CA GLU A 214 -27.11 11.72 32.63
C GLU A 214 -27.72 10.36 32.95
N CYS A 215 -27.11 9.65 33.92
CA CYS A 215 -27.63 8.34 34.31
C CYS A 215 -28.96 8.48 35.05
N SER A 216 -29.09 9.50 35.88
CA SER A 216 -30.31 9.74 36.63
C SER A 216 -30.48 11.24 36.82
N CYS A 217 -31.37 11.63 37.72
CA CYS A 217 -31.62 13.04 37.99
C CYS A 217 -30.44 13.65 38.73
N ASP A 218 -29.79 14.65 38.11
CA ASP A 218 -28.66 15.37 38.71
C ASP A 218 -27.52 14.42 39.07
N HIS A 219 -27.06 13.66 38.08
CA HIS A 219 -25.95 12.74 38.27
C HIS A 219 -25.26 12.57 36.92
N TYR A 220 -24.14 13.26 36.73
CA TYR A 220 -23.40 13.22 35.48
C TYR A 220 -22.37 12.09 35.50
N ASP A 221 -22.11 11.52 34.32
CA ASP A 221 -21.13 10.46 34.17
C ASP A 221 -20.38 10.69 32.87
N THR A 222 -19.06 10.85 32.95
CA THR A 222 -18.23 11.22 31.81
C THR A 222 -17.24 10.11 31.50
N THR A 223 -16.89 9.99 30.22
CA THR A 223 -15.88 9.06 29.75
C THR A 223 -14.94 9.78 28.80
N VAL A 224 -13.65 9.60 29.00
CA VAL A 224 -12.62 10.25 28.20
C VAL A 224 -12.05 9.21 27.24
N LYS A 225 -12.40 9.34 25.96
CA LYS A 225 -11.96 8.41 24.93
C LYS A 225 -11.27 9.19 23.81
N LEU A 226 -10.09 8.73 23.41
CA LEU A 226 -9.31 9.37 22.35
C LEU A 226 -9.67 8.71 21.02
N LEU A 227 -10.51 9.37 20.24
CA LEU A 227 -10.95 8.80 18.96
C LEU A 227 -10.05 9.30 17.84
N PRO A 228 -9.76 8.45 16.85
CA PRO A 228 -8.85 8.87 15.77
C PRO A 228 -9.52 9.64 14.64
N SER A 229 -10.85 9.56 14.52
CA SER A 229 -11.55 10.23 13.43
C SER A 229 -12.95 10.61 13.88
N LEU A 230 -13.52 11.57 13.17
CA LEU A 230 -14.87 12.05 13.43
C LEU A 230 -15.88 11.34 12.53
N SER A 231 -17.14 11.38 12.94
CA SER A 231 -18.23 10.76 12.20
C SER A 231 -19.38 11.75 12.07
N ILE A 232 -20.06 11.71 10.93
CA ILE A 232 -21.21 12.57 10.65
C ILE A 232 -22.48 11.75 10.80
N SER A 233 -23.47 12.32 11.47
CA SER A 233 -24.75 11.68 11.71
C SER A 233 -25.85 12.40 10.91
N GLY A 234 -27.09 11.99 11.14
CA GLY A 234 -28.22 12.61 10.48
C GLY A 234 -28.53 13.97 11.05
N ILE A 235 -27.65 14.94 10.80
CA ILE A 235 -27.80 16.28 11.38
C ILE A 235 -29.07 16.94 10.87
N ASN A 236 -29.68 17.76 11.73
CA ASN A 236 -30.88 18.50 11.40
C ASN A 236 -30.55 19.96 11.12
N LYS A 237 -31.48 20.64 10.46
CA LYS A 237 -31.30 22.04 10.12
C LYS A 237 -31.77 22.94 11.26
N GLN A 250 -25.78 26.03 2.05
CA GLN A 250 -25.10 25.93 3.35
C GLN A 250 -23.61 25.69 3.15
N ASN A 251 -22.98 25.05 4.14
CA ASN A 251 -21.55 24.77 4.09
C ASN A 251 -21.27 23.54 4.93
N ILE A 252 -20.00 23.11 4.90
CA ILE A 252 -19.62 21.90 5.61
C ILE A 252 -19.32 22.19 7.08
N LEU A 253 -18.90 23.43 7.39
CA LEU A 253 -18.53 23.76 8.76
C LEU A 253 -19.63 23.50 9.79
N PRO A 254 -20.91 23.80 9.55
CA PRO A 254 -21.94 23.43 10.54
C PRO A 254 -21.99 21.94 10.80
N TYR A 255 -21.72 21.09 9.81
CA TYR A 255 -21.71 19.65 10.03
C TYR A 255 -20.55 19.23 10.93
N ILE A 256 -19.40 19.90 10.81
CA ILE A 256 -18.26 19.58 11.66
C ILE A 256 -18.51 20.05 13.08
N GLU A 257 -19.17 21.21 13.24
CA GLU A 257 -19.44 21.74 14.56
C GLU A 257 -20.41 20.87 15.33
N TYR A 258 -21.43 20.32 14.65
CA TYR A 258 -22.37 19.44 15.32
C TYR A 258 -21.71 18.14 15.74
N ALA A 259 -20.78 17.64 14.94
CA ALA A 259 -20.08 16.40 15.28
C ALA A 259 -19.14 16.57 16.46
N MET A 260 -18.76 17.80 16.79
CA MET A 260 -17.88 18.07 17.92
C MET A 260 -18.62 18.51 19.17
N LYS A 261 -19.90 18.88 19.06
CA LYS A 261 -20.69 19.25 20.23
C LYS A 261 -22.16 19.00 19.88
N ASN A 262 -22.72 17.89 20.36
CA ASN A 262 -24.08 17.51 20.06
C ASN A 262 -24.77 17.00 21.31
N VAL A 263 -26.11 17.03 21.28
CA VAL A 263 -26.94 16.53 22.37
C VAL A 263 -27.90 15.50 21.79
N THR A 264 -27.79 14.26 22.26
CA THR A 264 -28.62 13.16 21.78
C THR A 264 -29.42 12.57 22.93
N GLN A 265 -30.53 11.92 22.59
CA GLN A 265 -31.39 11.24 23.56
C GLN A 265 -31.72 9.85 23.04
N LYS A 266 -30.86 8.89 23.37
CA LYS A 266 -31.07 7.50 22.99
C LYS A 266 -30.18 6.58 23.83
N ASN A 267 -30.77 5.59 24.49
CA ASN A 267 -30.01 4.67 25.33
C ASN A 267 -30.76 3.35 25.44
N SER A 268 -30.11 2.39 26.07
CA SER A 268 -30.67 1.05 26.23
C SER A 268 -31.95 1.09 27.07
N GLU A 277 -33.42 3.10 29.04
CA GLU A 277 -34.36 4.21 29.03
C GLU A 277 -33.91 5.31 28.07
N THR A 278 -34.65 6.42 28.06
CA THR A 278 -34.32 7.55 27.18
C THR A 278 -33.37 8.50 27.90
N ILE A 279 -32.16 8.01 28.13
CA ILE A 279 -31.13 8.78 28.82
C ILE A 279 -30.45 9.70 27.82
N THR A 280 -30.53 11.00 28.06
CA THR A 280 -29.87 11.97 27.19
C THR A 280 -28.36 11.88 27.35
N GLN A 281 -27.64 12.08 26.25
CA GLN A 281 -26.19 11.99 26.24
C GLN A 281 -25.62 13.16 25.46
N GLU A 282 -24.56 13.77 25.99
CA GLU A 282 -23.89 14.89 25.37
C GLU A 282 -22.40 14.63 25.36
N CYS A 283 -21.81 14.53 24.18
CA CYS A 283 -20.39 14.27 24.01
C CYS A 283 -19.76 15.43 23.24
N THR A 284 -18.63 15.92 23.76
CA THR A 284 -17.92 17.04 23.14
C THR A 284 -16.43 16.76 23.18
N VAL A 285 -15.70 17.39 22.26
CA VAL A 285 -14.25 17.26 22.15
C VAL A 285 -13.64 18.64 22.28
N LYS A 286 -12.63 18.76 23.15
CA LYS A 286 -11.92 20.01 23.38
C LYS A 286 -10.49 19.96 22.86
N ASN A 287 -10.27 19.26 21.75
CA ASN A 287 -8.95 19.10 21.16
C ASN A 287 -9.04 19.36 19.67
N LEU A 288 -8.03 20.06 19.14
CA LEU A 288 -7.91 20.30 17.70
C LEU A 288 -6.63 19.64 17.22
N PRO A 289 -6.71 18.43 16.67
CA PRO A 289 -5.50 17.72 16.24
C PRO A 289 -4.95 18.31 14.95
N SER A 290 -3.78 17.81 14.56
CA SER A 290 -3.10 18.33 13.37
C SER A 290 -3.89 17.98 12.12
N VAL A 291 -4.20 16.71 11.91
CA VAL A 291 -5.01 16.25 10.79
C VAL A 291 -6.38 15.85 11.33
N LEU A 292 -7.43 16.36 10.70
CA LEU A 292 -8.81 16.14 11.13
C LEU A 292 -9.49 15.25 10.10
N SER A 293 -9.64 13.97 10.44
CA SER A 293 -10.20 12.98 9.54
C SER A 293 -11.70 12.83 9.80
N LEU A 294 -12.51 13.16 8.81
CA LEU A 294 -13.96 13.09 8.91
C LEU A 294 -14.49 11.88 8.15
N GLU A 295 -15.49 11.22 8.73
CA GLU A 295 -16.17 10.08 8.10
C GLU A 295 -17.60 10.53 7.82
N LEU A 296 -17.80 11.14 6.66
CA LEU A 296 -19.09 11.73 6.31
C LEU A 296 -20.03 10.64 5.82
N SER A 297 -21.19 10.52 6.48
CA SER A 297 -22.17 9.51 6.11
C SER A 297 -23.54 9.95 6.62
N LEU A 298 -24.51 10.06 5.70
CA LEU A 298 -25.87 10.45 6.06
C LEU A 298 -26.80 10.01 4.94
N LEU A 299 -28.05 10.47 5.00
CA LEU A 299 -29.09 9.97 4.11
C LEU A 299 -28.93 10.53 2.70
N ASP A 300 -29.53 9.82 1.74
CA ASP A 300 -29.49 10.28 0.35
C ASP A 300 -30.33 11.53 0.15
N THR A 301 -31.47 11.61 0.84
CA THR A 301 -32.33 12.79 0.72
C THR A 301 -31.61 14.05 1.16
N GLU A 302 -30.72 13.94 2.14
CA GLU A 302 -29.87 15.06 2.52
C GLU A 302 -28.62 15.16 1.67
N PHE A 303 -28.21 14.06 1.03
CA PHE A 303 -27.08 14.12 0.09
C PHE A 303 -27.44 14.93 -1.14
N SER A 304 -28.69 14.83 -1.60
CA SER A 304 -29.12 15.61 -2.76
C SER A 304 -29.11 17.10 -2.47
N ASN A 305 -29.35 17.50 -1.23
CA ASN A 305 -29.26 18.90 -0.87
C ASN A 305 -27.82 19.40 -0.85
N ILE A 306 -26.86 18.50 -0.66
CA ILE A 306 -25.45 18.89 -0.72
C ILE A 306 -25.06 19.23 -2.15
N ARG A 307 -25.65 18.55 -3.13
CA ARG A 307 -25.32 18.82 -4.53
C ARG A 307 -25.73 20.23 -4.95
N SER A 308 -26.84 20.74 -4.41
CA SER A 308 -27.30 22.07 -4.76
C SER A 308 -26.58 23.17 -3.99
N SER A 309 -26.00 22.86 -2.83
CA SER A 309 -25.30 23.85 -2.03
C SER A 309 -23.99 24.21 -2.72
N LYS A 310 -23.89 25.46 -3.20
CA LYS A 310 -22.69 25.90 -3.89
C LYS A 310 -21.53 26.06 -2.92
N ASN A 311 -20.36 25.55 -3.32
CA ASN A 311 -19.15 25.60 -2.51
C ASN A 311 -19.38 24.98 -1.14
N TRP A 312 -20.00 23.81 -1.12
CA TRP A 312 -20.29 23.14 0.14
C TRP A 312 -19.02 22.63 0.79
N LEU A 313 -18.07 22.12 0.00
CA LEU A 313 -16.79 21.64 0.51
C LEU A 313 -15.83 22.83 0.62
N THR A 314 -15.58 23.27 1.85
CA THR A 314 -14.72 24.42 2.07
C THR A 314 -13.25 24.03 1.92
N SER A 315 -12.52 24.80 1.11
CA SER A 315 -11.10 24.51 0.88
C SER A 315 -10.29 24.77 2.15
N GLU A 316 -10.30 26.00 2.63
CA GLU A 316 -9.59 26.38 3.85
C GLU A 316 -10.54 27.11 4.78
N PHE A 317 -10.35 26.89 6.08
CA PHE A 317 -11.21 27.50 7.08
C PHE A 317 -10.42 27.67 8.38
N TYR A 318 -10.97 28.50 9.27
CA TYR A 318 -10.37 28.79 10.57
C TYR A 318 -11.33 28.35 11.66
N GLY A 319 -10.75 27.91 12.79
CA GLY A 319 -11.57 27.47 13.91
C GLY A 319 -10.80 27.09 15.15
N SER A 320 -11.38 27.34 16.31
CA SER A 320 -10.80 26.97 17.59
C SER A 320 -11.92 26.82 18.61
N ILE A 321 -11.55 26.65 19.87
CA ILE A 321 -12.49 26.47 20.97
C ILE A 321 -12.47 27.72 21.84
N ILE A 322 -13.65 28.28 22.10
CA ILE A 322 -13.81 29.41 23.03
C ILE A 322 -14.58 28.98 24.27
N LYS A 323 -15.81 28.51 24.10
CA LYS A 323 -16.58 27.91 25.18
C LYS A 323 -16.35 26.41 25.18
N ASN A 324 -17.17 25.67 25.91
CA ASN A 324 -17.06 24.21 25.93
C ASN A 324 -17.37 23.57 24.57
N LYS A 325 -17.87 24.34 23.61
CA LYS A 325 -18.14 23.87 22.27
C LYS A 325 -17.01 24.29 21.34
N ALA A 326 -17.18 24.04 20.04
CA ALA A 326 -16.18 24.38 19.03
C ALA A 326 -16.85 25.17 17.91
N VAL A 327 -16.18 26.24 17.47
CA VAL A 327 -16.69 27.12 16.42
C VAL A 327 -15.66 27.17 15.30
N LEU A 328 -16.16 27.18 14.06
CA LEU A 328 -15.31 27.25 12.87
C LEU A 328 -15.84 28.34 11.95
N ARG A 329 -14.96 29.26 11.56
CA ARG A 329 -15.32 30.40 10.73
C ARG A 329 -14.63 30.31 9.38
N SER A 330 -15.21 31.00 8.39
CA SER A 330 -14.68 30.93 7.03
C SER A 330 -13.44 31.81 6.86
N THR A 331 -13.46 33.02 7.40
CA THR A 331 -12.37 33.97 7.25
C THR A 331 -11.69 34.22 8.60
N ALA A 332 -10.47 34.73 8.53
CA ALA A 332 -9.71 35.02 9.73
C ALA A 332 -10.23 36.24 10.48
N SER A 333 -11.06 37.07 9.83
CA SER A 333 -11.59 38.26 10.46
C SER A 333 -12.90 37.99 11.20
N GLU A 334 -13.78 37.17 10.61
CA GLU A 334 -15.11 36.97 11.18
C GLU A 334 -15.11 36.07 12.41
N LEU A 335 -13.99 35.42 12.72
CA LEU A 335 -13.94 34.60 13.92
C LEU A 335 -13.87 35.47 15.17
N LYS A 336 -14.36 34.94 16.28
CA LYS A 336 -14.35 35.63 17.55
C LYS A 336 -13.85 34.69 18.64
N GLY A 337 -13.61 35.23 19.82
CA GLY A 337 -13.23 34.44 20.98
C GLY A 337 -11.88 34.91 21.55
N THR A 338 -11.04 33.94 21.90
CA THR A 338 -9.81 34.20 22.60
C THR A 338 -8.66 34.43 21.63
N SER A 339 -7.42 34.38 22.14
CA SER A 339 -6.27 34.82 21.35
C SER A 339 -5.98 33.88 20.19
N HIS A 340 -5.66 32.62 20.49
CA HIS A 340 -5.12 31.71 19.49
C HIS A 340 -6.23 30.97 18.75
N ILE A 341 -6.02 30.81 17.43
CA ILE A 341 -6.93 30.06 16.58
C ILE A 341 -6.16 29.59 15.36
N PHE A 342 -6.34 28.33 14.98
CA PHE A 342 -5.55 27.72 13.92
C PHE A 342 -6.29 27.76 12.58
N LYS A 343 -5.56 27.46 11.52
CA LYS A 343 -6.07 27.43 10.16
C LYS A 343 -5.96 26.01 9.61
N TYR A 344 -7.04 25.51 9.02
CA TYR A 344 -7.08 24.17 8.46
C TYR A 344 -7.34 24.27 6.96
N GLU A 345 -6.55 23.52 6.19
CA GLU A 345 -6.73 23.41 4.74
C GLU A 345 -7.06 21.97 4.39
N LEU A 346 -7.86 21.80 3.33
CA LEU A 346 -8.28 20.46 2.93
C LEU A 346 -7.12 19.73 2.27
N ASN A 347 -6.69 18.64 2.90
CA ASN A 347 -5.57 17.85 2.40
C ASN A 347 -6.00 16.81 1.36
N GLY A 348 -7.28 16.50 1.29
CA GLY A 348 -7.77 15.53 0.34
C GLY A 348 -9.02 14.85 0.88
N TYR A 349 -9.69 14.13 -0.02
CA TYR A 349 -10.89 13.40 0.37
C TYR A 349 -11.14 12.26 -0.61
N VAL A 350 -11.95 11.30 -0.16
CA VAL A 350 -12.31 10.12 -0.94
C VAL A 350 -13.81 10.17 -1.21
N ALA A 351 -14.18 10.17 -2.47
CA ALA A 351 -15.58 10.21 -2.88
C ALA A 351 -15.91 8.98 -3.72
N LYS A 352 -17.17 8.53 -3.61
CA LYS A 352 -17.65 7.40 -4.41
C LYS A 352 -18.30 7.91 -5.69
N ILE A 353 -18.22 7.08 -6.73
CA ILE A 353 -18.77 7.40 -8.04
C ILE A 353 -19.83 6.38 -8.40
N THR A 354 -21.07 6.83 -8.53
CA THR A 354 -22.16 5.99 -9.04
C THR A 354 -22.16 6.08 -10.56
N ASP A 355 -21.75 4.99 -11.20
CA ASP A 355 -21.55 5.00 -12.64
C ASP A 355 -22.89 5.13 -13.38
N ASN A 356 -22.80 5.40 -14.68
CA ASN A 356 -23.96 5.41 -15.54
C ASN A 356 -24.45 4.01 -15.86
N ASN A 357 -23.59 3.00 -15.74
CA ASN A 357 -24.00 1.61 -15.73
C ASN A 357 -24.45 1.14 -14.36
N ASN A 358 -24.61 2.07 -13.42
CA ASN A 358 -25.11 1.79 -12.07
C ASN A 358 -24.17 0.88 -11.30
N GLU A 359 -22.87 1.15 -11.41
CA GLU A 359 -21.85 0.50 -10.60
C GLU A 359 -21.11 1.57 -9.79
N THR A 360 -20.30 1.12 -8.84
CA THR A 360 -19.68 2.03 -7.90
C THR A 360 -18.22 1.67 -7.66
N ARG A 361 -17.41 2.71 -7.43
CA ARG A 361 -16.02 2.57 -7.03
C ARG A 361 -15.60 3.89 -6.41
N LEU A 362 -14.43 3.89 -5.76
CA LEU A 362 -13.94 5.06 -5.06
C LEU A 362 -12.78 5.71 -5.82
N VAL A 363 -12.69 7.03 -5.68
CA VAL A 363 -11.56 7.81 -6.18
C VAL A 363 -11.01 8.63 -5.02
N THR A 364 -9.82 9.20 -5.22
CA THR A 364 -9.14 9.95 -4.17
C THR A 364 -8.66 11.28 -4.73
N TYR A 365 -9.20 12.37 -4.20
CA TYR A 365 -8.71 13.71 -4.51
C TYR A 365 -7.61 14.07 -3.53
N VAL A 366 -6.56 14.71 -4.04
CA VAL A 366 -5.34 14.97 -3.29
C VAL A 366 -4.79 16.34 -3.64
N LYS A 367 -4.44 17.12 -2.62
CA LYS A 367 -3.72 18.37 -2.78
C LYS A 367 -2.33 18.23 -2.19
N LYS A 368 -1.32 18.60 -2.97
CA LYS A 368 0.07 18.51 -2.54
C LYS A 368 0.74 19.86 -2.72
N TYR A 369 1.53 20.26 -1.72
CA TYR A 369 2.18 21.56 -1.73
C TYR A 369 3.47 21.53 -2.54
N ASN A 370 3.78 22.67 -3.15
CA ASN A 370 5.03 22.84 -3.89
C ASN A 370 5.91 23.85 -3.19
N PRO A 371 7.07 23.47 -2.67
CA PRO A 371 7.91 24.44 -1.95
C PRO A 371 8.53 25.48 -2.86
N LYS A 372 8.82 25.15 -4.12
CA LYS A 372 9.43 26.11 -5.04
C LYS A 372 8.46 27.24 -5.36
N GLU A 373 7.31 26.89 -5.95
CA GLU A 373 6.27 27.86 -6.27
C GLU A 373 5.13 27.68 -5.26
N ASN A 374 4.80 28.76 -4.55
CA ASN A 374 3.83 28.70 -3.47
C ASN A 374 2.42 28.56 -4.06
N CYS A 375 2.10 27.33 -4.45
CA CYS A 375 0.79 27.01 -4.98
C CYS A 375 0.49 25.55 -4.65
N PHE A 376 -0.74 25.14 -4.93
CA PHE A 376 -1.21 23.80 -4.63
C PHE A 376 -1.54 23.07 -5.92
N LYS A 377 -0.95 21.89 -6.10
CA LYS A 377 -1.22 21.04 -7.26
C LYS A 377 -2.20 19.95 -6.84
N TRP A 378 -3.36 19.93 -7.48
CA TRP A 378 -4.39 18.96 -7.16
C TRP A 378 -4.26 17.73 -8.04
N LEU A 379 -4.70 16.59 -7.50
CA LEU A 379 -4.58 15.30 -8.17
C LEU A 379 -5.81 14.46 -7.91
N MET A 380 -6.24 13.72 -8.93
CA MET A 380 -7.33 12.75 -8.82
C MET A 380 -6.74 11.37 -9.09
N PHE A 381 -6.98 10.44 -8.17
CA PHE A 381 -6.35 9.13 -8.20
C PHE A 381 -7.42 8.05 -8.37
N ASN A 382 -7.45 7.44 -9.54
CA ASN A 382 -8.18 6.20 -9.76
C ASN A 382 -7.26 5.03 -9.41
N ASP A 383 -7.61 3.82 -9.81
CA ASP A 383 -6.75 2.67 -9.55
C ASP A 383 -5.33 2.92 -10.03
N TYR A 384 -5.16 3.13 -11.33
CA TYR A 384 -3.88 3.57 -11.88
C TYR A 384 -4.04 4.79 -12.77
N LEU A 385 -5.24 5.31 -12.94
CA LEU A 385 -5.48 6.54 -13.70
C LEU A 385 -5.18 7.72 -12.79
N VAL A 386 -4.07 8.40 -13.03
CA VAL A 386 -3.62 9.53 -12.22
C VAL A 386 -3.59 10.76 -13.11
N VAL A 387 -4.30 11.81 -12.69
CA VAL A 387 -4.39 13.05 -13.46
C VAL A 387 -4.16 14.24 -12.52
N GLU A 388 -3.60 15.31 -13.07
CA GLU A 388 -3.47 16.58 -12.38
C GLU A 388 -4.65 17.46 -12.78
N ILE A 389 -5.46 17.85 -11.80
CA ILE A 389 -6.64 18.67 -12.04
C ILE A 389 -6.49 19.99 -11.30
N THR A 390 -7.40 20.91 -11.59
CA THR A 390 -7.43 22.21 -10.93
C THR A 390 -8.27 22.13 -9.66
N GLU A 391 -8.08 23.14 -8.80
CA GLU A 391 -8.80 23.17 -7.53
C GLU A 391 -10.30 23.38 -7.75
N GLU A 392 -10.68 24.12 -8.80
CA GLU A 392 -12.10 24.34 -9.07
C GLU A 392 -12.82 23.04 -9.39
N GLU A 393 -12.14 22.10 -10.05
CA GLU A 393 -12.75 20.82 -10.39
C GLU A 393 -12.72 19.83 -9.23
N ALA A 394 -11.79 19.98 -8.29
CA ALA A 394 -11.69 19.06 -7.17
C ALA A 394 -12.74 19.34 -6.11
N LEU A 395 -13.13 20.59 -5.93
CA LEU A 395 -14.13 20.96 -4.93
C LEU A 395 -15.56 20.91 -5.46
N LYS A 396 -15.74 20.65 -6.75
CA LYS A 396 -17.08 20.66 -7.34
C LYS A 396 -17.87 19.46 -6.86
N MET A 397 -19.03 19.73 -6.24
CA MET A 397 -19.93 18.68 -5.77
C MET A 397 -21.27 18.68 -6.51
N THR A 398 -21.37 19.43 -7.61
CA THR A 398 -22.64 19.53 -8.33
C THR A 398 -22.99 18.24 -9.07
N TYR A 399 -22.01 17.38 -9.33
CA TYR A 399 -22.27 16.18 -10.11
C TYR A 399 -23.09 15.19 -9.30
N PRO A 400 -24.19 14.67 -9.84
CA PRO A 400 -25.02 13.74 -9.05
C PRO A 400 -24.37 12.40 -8.78
N TRP A 401 -23.36 12.00 -9.57
CA TRP A 401 -22.67 10.75 -9.33
C TRP A 401 -21.59 10.89 -8.25
N LYS A 402 -21.25 12.10 -7.85
CA LYS A 402 -20.23 12.33 -6.84
C LYS A 402 -20.85 12.28 -5.46
N THR A 403 -20.19 11.57 -4.54
CA THR A 403 -20.66 11.47 -3.15
C THR A 403 -19.42 11.40 -2.25
N PRO A 404 -19.09 12.51 -1.58
CA PRO A 404 -17.93 12.48 -0.69
C PRO A 404 -18.18 11.61 0.52
N GLU A 405 -17.20 10.79 0.87
CA GLU A 405 -17.36 9.80 1.93
C GLU A 405 -16.35 9.96 3.06
N ILE A 406 -15.12 10.34 2.75
CA ILE A 406 -14.07 10.49 3.76
C ILE A 406 -13.30 11.75 3.43
N ILE A 407 -13.47 12.80 4.24
CA ILE A 407 -12.80 14.08 4.04
C ILE A 407 -11.83 14.30 5.18
N ILE A 408 -10.63 14.78 4.86
CA ILE A 408 -9.62 15.07 5.86
C ILE A 408 -9.18 16.52 5.71
N TYR A 409 -8.86 17.14 6.84
CA TYR A 409 -8.30 18.48 6.89
C TYR A 409 -7.01 18.44 7.67
N CYS A 410 -6.03 19.23 7.24
CA CYS A 410 -4.72 19.28 7.87
C CYS A 410 -4.39 20.71 8.27
N ASP A 411 -3.48 20.84 9.23
CA ASP A 411 -3.02 22.14 9.66
C ASP A 411 -2.30 22.85 8.51
N ALA A 412 -2.60 24.14 8.34
CA ALA A 412 -2.04 24.89 7.22
C ALA A 412 -0.51 24.93 7.29
N GLU A 413 0.04 25.35 8.43
CA GLU A 413 1.50 25.43 8.55
C GLU A 413 2.14 24.05 8.51
N GLU A 414 1.41 23.01 8.92
CA GLU A 414 1.96 21.67 8.93
C GLU A 414 1.82 20.95 7.59
N LEU A 415 0.86 21.37 6.75
CA LEU A 415 0.74 20.78 5.42
C LEU A 415 1.94 21.14 4.55
N ARG A 416 2.49 22.34 4.72
CA ARG A 416 3.67 22.76 3.98
C ARG A 416 4.92 21.97 4.32
N LYS A 417 4.86 21.10 5.32
CA LYS A 417 6.03 20.31 5.70
C LYS A 417 6.38 19.35 4.57
N PRO A 418 7.65 19.30 4.14
CA PRO A 418 8.03 18.39 3.06
C PRO A 418 7.96 16.93 3.49
N PHE A 419 7.93 16.06 2.48
CA PHE A 419 7.88 14.63 2.70
C PHE A 419 9.31 14.08 2.81
N PHE A 420 9.63 13.50 3.96
CA PHE A 420 10.96 12.97 4.22
C PHE A 420 10.95 11.46 4.02
N SER A 421 11.84 10.97 3.17
CA SER A 421 11.93 9.54 2.91
C SER A 421 12.72 8.85 4.02
N VAL A 422 12.77 7.51 3.93
CA VAL A 422 13.53 6.74 4.91
C VAL A 422 15.03 6.96 4.75
N ASP A 423 15.47 7.36 3.56
CA ASP A 423 16.90 7.56 3.31
C ASP A 423 17.50 8.60 4.25
N THR A 424 16.69 9.53 4.76
CA THR A 424 17.21 10.56 5.65
C THR A 424 17.50 10.03 7.04
N TYR A 425 16.93 8.89 7.42
CA TYR A 425 17.13 8.31 8.74
C TYR A 425 18.28 7.31 8.72
N SER A 426 18.70 6.91 9.92
CA SER A 426 19.75 5.90 10.09
C SER A 426 19.08 4.54 10.18
N ILE A 427 19.09 3.80 9.08
CA ILE A 427 18.41 2.51 9.00
C ILE A 427 19.26 1.45 9.67
N ASN A 428 18.60 0.45 10.25
CA ASN A 428 19.25 -0.66 10.93
C ASN A 428 19.21 -1.88 10.03
N TYR A 429 20.38 -2.29 9.53
CA TYR A 429 20.51 -3.44 8.64
C TYR A 429 20.93 -4.70 9.38
N ASP A 430 20.56 -4.82 10.66
CA ASP A 430 21.05 -5.93 11.48
C ASP A 430 20.39 -7.26 11.12
N ILE A 431 19.23 -7.23 10.45
CA ILE A 431 18.53 -8.48 10.13
C ILE A 431 19.33 -9.29 9.12
N LEU A 432 20.12 -8.64 8.27
CA LEU A 432 20.92 -9.35 7.28
C LEU A 432 22.02 -10.19 7.91
N PHE A 433 22.43 -9.87 9.14
CA PHE A 433 23.59 -10.49 9.75
C PHE A 433 23.23 -11.61 10.72
N ARG A 434 21.97 -11.76 11.09
CA ARG A 434 21.55 -12.76 12.07
C ARG A 434 20.38 -13.56 11.51
N ASP A 435 19.96 -14.56 12.29
CA ASP A 435 18.84 -15.41 11.94
C ASP A 435 17.64 -15.08 12.82
N TYR A 436 16.44 -15.33 12.30
CA TYR A 436 15.20 -15.04 13.01
C TYR A 436 14.22 -16.20 12.87
N PHE A 437 14.72 -17.43 12.96
CA PHE A 437 13.88 -18.60 12.75
C PHE A 437 12.76 -18.67 13.78
N ALA A 438 11.55 -18.96 13.30
CA ALA A 438 10.40 -19.08 14.19
C ALA A 438 10.49 -20.35 15.04
N ASN A 439 10.52 -21.50 14.38
CA ASN A 439 10.68 -22.78 15.07
C ASN A 439 12.15 -23.11 15.21
N GLY A 440 12.49 -23.78 16.31
CA GLY A 440 13.90 -24.04 16.60
C GLY A 440 14.56 -24.93 15.57
N ILE A 441 13.91 -26.03 15.21
CA ILE A 441 14.46 -26.96 14.24
C ILE A 441 14.45 -26.35 12.85
N GLU A 448 21.94 -25.61 4.13
CA GLU A 448 23.36 -25.58 3.79
C GLU A 448 23.76 -24.23 3.20
N TYR A 449 24.07 -23.28 4.07
CA TYR A 449 24.46 -21.94 3.65
C TYR A 449 25.27 -21.29 4.76
N LYS A 450 25.92 -20.18 4.41
CA LYS A 450 26.70 -19.39 5.36
C LYS A 450 26.15 -17.98 5.40
N LEU A 451 25.81 -17.52 6.60
CA LEU A 451 25.17 -16.22 6.77
C LEU A 451 26.22 -15.10 6.65
N LEU A 452 25.80 -13.87 6.97
CA LEU A 452 26.62 -12.70 6.70
C LEU A 452 27.71 -12.50 7.74
N THR A 453 28.77 -11.83 7.33
CA THR A 453 29.78 -11.29 8.22
C THR A 453 29.83 -9.77 8.05
N HIS A 454 30.20 -9.08 9.13
CA HIS A 454 30.22 -7.62 9.08
C HIS A 454 31.25 -7.08 8.11
N ASP A 455 32.21 -7.91 7.69
CA ASP A 455 33.14 -7.49 6.64
C ASP A 455 32.45 -7.36 5.30
N GLU A 456 31.48 -8.25 5.02
CA GLU A 456 30.70 -8.20 3.78
C GLU A 456 29.64 -7.10 3.91
N ALA A 457 30.09 -5.86 3.72
CA ALA A 457 29.19 -4.71 3.81
C ALA A 457 28.58 -4.45 2.44
N PRO A 458 27.27 -4.64 2.26
CA PRO A 458 26.66 -4.36 0.95
C PRO A 458 26.76 -2.89 0.60
N LYS A 459 27.23 -2.60 -0.60
CA LYS A 459 27.43 -1.24 -1.09
C LYS A 459 26.42 -0.94 -2.20
N SER A 460 26.57 0.23 -2.81
CA SER A 460 25.67 0.66 -3.87
C SER A 460 25.87 -0.11 -5.18
N GLY A 461 26.78 -1.08 -5.23
CA GLY A 461 27.00 -1.84 -6.43
C GLY A 461 27.27 -3.31 -6.17
N THR A 462 26.79 -3.83 -5.04
CA THR A 462 27.05 -5.21 -4.66
C THR A 462 26.15 -6.15 -5.46
N LEU A 463 26.75 -7.19 -6.03
CA LEU A 463 26.02 -8.17 -6.82
C LEU A 463 25.41 -9.24 -5.92
N VAL A 464 24.16 -9.59 -6.20
CA VAL A 464 23.45 -10.66 -5.50
C VAL A 464 22.57 -11.40 -6.50
N ALA A 465 22.54 -12.72 -6.39
CA ALA A 465 21.70 -13.57 -7.24
C ALA A 465 20.44 -13.96 -6.48
N ILE A 466 19.28 -13.69 -7.07
CA ILE A 466 18.00 -13.84 -6.41
C ILE A 466 17.10 -14.73 -7.26
N ASP A 467 16.43 -15.69 -6.61
CA ASP A 467 15.39 -16.48 -7.25
C ASP A 467 14.38 -16.87 -6.18
N ALA A 468 13.10 -16.64 -6.46
CA ALA A 468 12.04 -16.93 -5.53
C ALA A 468 11.07 -17.95 -6.13
N ALA A 469 10.43 -18.71 -5.24
CA ALA A 469 9.43 -19.70 -5.62
C ALA A 469 8.23 -19.56 -4.70
N PHE A 470 7.03 -19.71 -5.26
CA PHE A 470 5.82 -19.49 -4.49
C PHE A 470 4.72 -20.44 -4.94
N VAL A 471 3.76 -20.66 -4.05
CA VAL A 471 2.67 -21.57 -4.30
C VAL A 471 1.43 -20.78 -4.70
N SER A 472 0.42 -21.48 -5.20
CA SER A 472 -0.85 -20.87 -5.58
C SER A 472 -1.86 -21.04 -4.46
N LEU A 473 -2.65 -20.00 -4.23
CA LEU A 473 -3.68 -20.03 -3.18
C LEU A 473 -5.09 -20.23 -3.74
N GLN A 474 -5.46 -19.47 -4.75
CA GLN A 474 -6.79 -19.52 -5.34
C GLN A 474 -6.68 -19.78 -6.85
N SER A 475 -7.82 -19.73 -7.52
CA SER A 475 -7.92 -19.95 -8.96
C SER A 475 -8.22 -18.63 -9.67
N GLU A 476 -8.47 -18.73 -10.98
CA GLU A 476 -8.74 -17.53 -11.77
C GLU A 476 -10.02 -16.83 -11.32
N LEU A 477 -11.07 -17.60 -11.05
CA LEU A 477 -12.37 -17.06 -10.66
C LEU A 477 -12.88 -16.06 -11.70
N CYS A 478 -13.06 -16.56 -12.92
CA CYS A 478 -13.49 -15.73 -14.04
C CYS A 478 -15.00 -15.53 -13.99
N GLU A 479 -15.56 -14.97 -15.06
CA GLU A 479 -16.99 -14.68 -15.13
C GLU A 479 -17.51 -14.79 -16.55
N ILE A 489 -13.50 -10.22 -11.65
CA ILE A 489 -13.36 -11.29 -12.63
C ILE A 489 -11.94 -11.32 -13.19
N ARG A 490 -10.98 -11.60 -12.31
CA ARG A 490 -9.57 -11.60 -12.67
C ARG A 490 -8.85 -12.64 -11.83
N PRO A 491 -7.75 -13.22 -12.33
CA PRO A 491 -6.96 -14.14 -11.51
C PRO A 491 -6.30 -13.40 -10.35
N LYS A 492 -6.39 -13.99 -9.15
CA LYS A 492 -6.20 -13.23 -7.93
C LYS A 492 -4.98 -13.63 -7.11
N ARG A 493 -4.86 -14.89 -6.69
CA ARG A 493 -4.05 -15.23 -5.52
C ARG A 493 -2.83 -16.06 -5.92
N THR A 494 -1.65 -15.58 -5.53
CA THR A 494 -0.42 -16.39 -5.52
C THR A 494 0.55 -15.73 -4.55
N ALA A 495 0.78 -16.36 -3.40
CA ALA A 495 1.57 -15.78 -2.33
C ALA A 495 2.95 -16.40 -2.25
N LEU A 496 3.93 -15.59 -1.86
CA LEU A 496 5.32 -16.02 -1.76
C LEU A 496 5.46 -17.24 -0.85
N ALA A 497 6.35 -18.16 -1.25
CA ALA A 497 6.66 -19.33 -0.43
C ALA A 497 8.13 -19.42 -0.05
N ARG A 498 9.04 -19.35 -1.03
CA ARG A 498 10.47 -19.54 -0.77
C ARG A 498 11.26 -18.55 -1.61
N ILE A 499 12.41 -18.14 -1.07
CA ILE A 499 13.29 -17.18 -1.74
C ILE A 499 14.70 -17.39 -1.22
N SER A 500 15.67 -17.36 -2.13
CA SER A 500 17.07 -17.56 -1.80
C SER A 500 17.92 -16.55 -2.55
N ILE A 501 18.82 -15.88 -1.83
CA ILE A 501 19.71 -14.87 -2.41
C ILE A 501 21.14 -15.39 -2.29
N ILE A 502 21.93 -15.15 -3.34
CA ILE A 502 23.29 -15.68 -3.44
C ILE A 502 24.27 -14.53 -3.45
N ARG A 503 25.49 -14.80 -2.98
CA ARG A 503 26.57 -13.83 -3.08
C ARG A 503 27.04 -13.71 -4.53
N GLY A 504 27.17 -12.48 -5.01
CA GLY A 504 27.53 -12.24 -6.39
C GLY A 504 28.93 -11.74 -6.60
N GLU A 505 29.54 -11.18 -5.57
CA GLU A 505 30.89 -10.64 -5.68
C GLU A 505 31.92 -11.77 -5.67
N GLU A 506 32.93 -11.64 -6.52
CA GLU A 506 33.95 -12.67 -6.63
C GLU A 506 34.83 -12.69 -5.39
N GLY A 507 35.40 -13.86 -5.11
CA GLY A 507 36.25 -14.07 -3.97
C GLY A 507 36.07 -15.47 -3.42
N GLU A 508 36.52 -15.67 -2.18
CA GLU A 508 36.36 -16.97 -1.54
C GLU A 508 34.88 -17.29 -1.31
N LEU A 509 34.12 -16.32 -0.85
CA LEU A 509 32.67 -16.49 -0.65
C LEU A 509 31.92 -15.95 -1.86
N TYR A 510 32.12 -16.63 -2.99
CA TYR A 510 31.45 -16.29 -4.24
C TYR A 510 30.57 -17.46 -4.67
N GLY A 511 29.39 -17.13 -5.19
CA GLY A 511 28.45 -18.14 -5.62
C GLY A 511 27.79 -18.92 -4.51
N VAL A 512 28.11 -18.63 -3.25
CA VAL A 512 27.50 -19.32 -2.11
C VAL A 512 26.34 -18.48 -1.61
N PRO A 513 25.28 -19.09 -1.09
CA PRO A 513 24.14 -18.31 -0.59
C PRO A 513 24.39 -17.79 0.81
N PHE A 514 23.59 -16.79 1.19
CA PHE A 514 23.69 -16.23 2.54
C PHE A 514 22.33 -16.22 3.24
N VAL A 515 21.24 -16.15 2.47
CA VAL A 515 19.90 -16.26 3.03
C VAL A 515 19.08 -17.20 2.14
N ASP A 516 18.54 -18.26 2.73
CA ASP A 516 17.67 -19.22 2.04
C ASP A 516 16.49 -19.48 2.98
N ASP A 517 15.44 -18.67 2.85
CA ASP A 517 14.36 -18.65 3.82
C ASP A 517 13.04 -19.07 3.18
N TYR A 518 12.14 -19.55 4.02
CA TYR A 518 10.77 -19.87 3.66
C TYR A 518 9.83 -18.88 4.34
N VAL A 519 8.63 -18.72 3.77
CA VAL A 519 7.59 -17.92 4.39
C VAL A 519 6.84 -18.78 5.40
N VAL A 520 5.99 -18.14 6.21
CA VAL A 520 5.25 -18.84 7.26
C VAL A 520 3.77 -18.90 6.90
N ASN A 521 3.47 -18.88 5.60
CA ASN A 521 2.09 -18.84 5.14
C ASN A 521 1.28 -20.00 5.71
N THR A 522 0.17 -19.67 6.37
CA THR A 522 -0.73 -20.66 6.96
C THR A 522 -2.07 -20.76 6.24
N ASN A 523 -2.29 -19.95 5.21
CA ASN A 523 -3.55 -19.99 4.50
C ASN A 523 -3.70 -21.30 3.73
N HIS A 524 -4.95 -21.71 3.51
CA HIS A 524 -5.24 -22.94 2.78
C HIS A 524 -4.82 -22.77 1.33
N ILE A 525 -3.74 -23.45 0.94
CA ILE A 525 -3.26 -23.36 -0.43
C ILE A 525 -4.02 -24.34 -1.32
N GLU A 526 -4.04 -24.04 -2.61
CA GLU A 526 -4.73 -24.87 -3.59
C GLU A 526 -3.79 -25.82 -4.32
N ASP A 527 -2.65 -25.32 -4.80
CA ASP A 527 -1.67 -26.15 -5.49
C ASP A 527 -0.28 -25.72 -5.07
N TYR A 528 0.56 -26.70 -4.72
CA TYR A 528 1.94 -26.40 -4.35
C TYR A 528 2.81 -26.15 -5.56
N LEU A 529 2.46 -26.73 -6.72
CA LEU A 529 3.29 -26.67 -7.93
C LEU A 529 4.67 -27.28 -7.65
N THR A 530 4.66 -28.57 -7.27
CA THR A 530 5.90 -29.25 -6.91
C THR A 530 6.84 -29.37 -8.10
N ARG A 531 6.31 -29.41 -9.32
CA ARG A 531 7.15 -29.57 -10.50
C ARG A 531 7.88 -28.27 -10.86
N TYR A 532 7.30 -27.12 -10.55
CA TYR A 532 7.86 -25.83 -10.92
C TYR A 532 8.49 -25.10 -9.74
N SER A 533 7.74 -24.93 -8.63
CA SER A 533 8.30 -24.28 -7.46
C SER A 533 9.23 -25.21 -6.68
N GLY A 534 8.92 -26.51 -6.68
CA GLY A 534 9.75 -27.48 -5.99
C GLY A 534 9.78 -27.32 -4.49
N ILE A 535 8.60 -27.23 -3.87
CA ILE A 535 8.47 -27.22 -2.43
C ILE A 535 7.53 -28.34 -2.00
N LEU A 536 7.77 -28.86 -0.81
CA LEU A 536 6.94 -29.92 -0.28
C LEU A 536 5.88 -29.34 0.65
N PRO A 537 4.85 -30.11 1.01
CA PRO A 537 3.84 -29.57 1.93
C PRO A 537 4.39 -29.38 3.33
N GLY A 538 5.29 -28.42 3.49
CA GLY A 538 5.91 -28.15 4.78
C GLY A 538 5.92 -26.67 5.13
N ASP A 539 4.89 -25.95 4.72
CA ASP A 539 4.79 -24.53 5.04
C ASP A 539 4.03 -24.24 6.32
N LEU A 540 3.30 -25.23 6.86
CA LEU A 540 2.71 -25.09 8.18
C LEU A 540 3.83 -25.08 9.20
N ASP A 541 4.07 -23.91 9.81
CA ASP A 541 5.30 -23.57 10.53
C ASP A 541 5.83 -24.68 11.44
N PRO A 542 5.07 -25.17 12.42
CA PRO A 542 5.64 -26.15 13.35
C PRO A 542 5.41 -27.60 12.98
N GLU A 543 4.63 -27.89 11.94
CA GLU A 543 4.20 -29.26 11.66
C GLU A 543 5.20 -30.00 10.78
N LYS A 544 5.51 -29.48 9.60
CA LYS A 544 6.28 -30.21 8.61
C LYS A 544 7.46 -29.37 8.11
N SER A 545 8.64 -29.99 8.10
CA SER A 545 9.85 -29.45 7.46
C SER A 545 10.19 -28.06 8.00
N THR A 546 10.55 -28.05 9.28
CA THR A 546 11.10 -26.86 9.92
C THR A 546 12.54 -26.70 9.45
N LYS A 547 12.70 -26.12 8.27
CA LYS A 547 13.99 -25.92 7.62
C LYS A 547 14.15 -24.44 7.33
N ARG A 548 14.70 -23.70 8.30
CA ARG A 548 14.88 -22.25 8.19
C ARG A 548 13.56 -21.54 7.89
N LEU A 549 12.46 -22.10 8.40
CA LEU A 549 11.15 -21.51 8.19
C LEU A 549 11.03 -20.22 9.01
N VAL A 550 10.62 -19.14 8.36
CA VAL A 550 10.55 -17.83 8.97
C VAL A 550 9.35 -17.11 8.39
N ARG A 551 9.03 -15.94 8.94
CA ARG A 551 7.84 -15.21 8.53
C ARG A 551 8.03 -14.58 7.14
N ARG A 552 6.97 -13.96 6.63
CA ARG A 552 7.03 -13.24 5.37
C ARG A 552 7.45 -11.79 5.56
N ASN A 553 7.11 -11.19 6.69
CA ASN A 553 7.50 -9.81 6.96
C ASN A 553 9.01 -9.69 7.14
N VAL A 554 9.62 -10.67 7.79
CA VAL A 554 11.06 -10.61 8.08
C VAL A 554 11.87 -10.69 6.79
N VAL A 555 11.52 -11.63 5.91
CA VAL A 555 12.33 -11.83 4.71
C VAL A 555 12.18 -10.66 3.74
N TYR A 556 10.99 -10.05 3.69
CA TYR A 556 10.81 -8.83 2.90
C TYR A 556 11.81 -7.77 3.31
N ARG A 557 12.04 -7.61 4.62
CA ARG A 557 13.00 -6.62 5.09
C ARG A 557 14.39 -6.89 4.51
N LYS A 558 14.78 -8.16 4.43
CA LYS A 558 16.08 -8.49 3.84
C LYS A 558 16.14 -8.06 2.38
N VAL A 559 15.07 -8.30 1.62
CA VAL A 559 15.03 -7.88 0.22
C VAL A 559 14.93 -6.36 0.13
N TRP A 560 14.15 -5.74 1.03
CA TRP A 560 13.97 -4.30 0.99
C TRP A 560 15.26 -3.55 1.30
N LEU A 561 16.11 -4.08 2.18
CA LEU A 561 17.34 -3.40 2.53
C LEU A 561 18.33 -3.43 1.36
N LEU A 562 18.41 -4.55 0.64
CA LEU A 562 19.32 -4.63 -0.49
C LEU A 562 18.93 -3.63 -1.58
N MET A 563 17.63 -3.46 -1.82
CA MET A 563 17.19 -2.43 -2.74
C MET A 563 17.43 -1.03 -2.17
N GLN A 564 17.34 -0.89 -0.85
CA GLN A 564 17.61 0.40 -0.22
C GLN A 564 19.08 0.79 -0.36
N LEU A 565 19.99 -0.16 -0.12
CA LEU A 565 21.42 0.12 -0.21
C LEU A 565 21.89 0.27 -1.65
N GLY A 566 21.12 -0.22 -2.62
CA GLY A 566 21.50 -0.14 -4.01
C GLY A 566 22.14 -1.38 -4.58
N CYS A 567 21.92 -2.55 -3.99
CA CYS A 567 22.48 -3.78 -4.51
C CYS A 567 21.83 -4.15 -5.84
N VAL A 568 22.64 -4.64 -6.77
CA VAL A 568 22.15 -5.05 -8.08
C VAL A 568 21.78 -6.53 -8.03
N PHE A 569 20.64 -6.86 -8.63
CA PHE A 569 20.06 -8.19 -8.55
C PHE A 569 20.19 -8.89 -9.90
N VAL A 570 20.70 -10.11 -9.88
CA VAL A 570 20.78 -10.93 -11.09
C VAL A 570 19.87 -12.15 -10.89
N GLY A 571 19.37 -12.67 -12.01
CA GLY A 571 18.48 -13.80 -11.95
C GLY A 571 17.74 -13.97 -13.27
N HIS A 572 16.78 -14.89 -13.26
CA HIS A 572 15.98 -15.23 -14.42
C HIS A 572 14.53 -14.87 -14.14
N GLY A 573 13.96 -14.03 -15.00
CA GLY A 573 12.59 -13.58 -14.82
C GLY A 573 12.40 -12.82 -13.52
N LEU A 574 13.28 -11.85 -13.26
CA LEU A 574 13.27 -11.15 -11.99
C LEU A 574 12.09 -10.20 -11.86
N ASN A 575 11.58 -9.70 -12.99
CA ASN A 575 10.41 -8.82 -12.93
C ASN A 575 9.18 -9.55 -12.42
N ASN A 576 9.05 -10.84 -12.73
CA ASN A 576 7.90 -11.61 -12.28
C ASN A 576 7.98 -11.91 -10.79
N ASP A 577 9.19 -12.22 -10.29
CA ASP A 577 9.35 -12.50 -8.86
C ASP A 577 8.95 -11.29 -8.03
N PHE A 578 9.46 -10.11 -8.39
CA PHE A 578 9.18 -8.90 -7.62
C PHE A 578 7.69 -8.55 -7.62
N LYS A 579 6.96 -8.98 -8.66
CA LYS A 579 5.53 -8.66 -8.72
C LYS A 579 4.75 -9.37 -7.63
N HIS A 580 5.17 -10.58 -7.24
CA HIS A 580 4.49 -11.34 -6.21
C HIS A 580 5.10 -11.18 -4.82
N ILE A 581 6.39 -10.82 -4.75
CA ILE A 581 6.95 -10.34 -3.48
C ILE A 581 6.49 -8.92 -3.17
N ASN A 582 5.94 -8.22 -4.16
CA ASN A 582 5.39 -6.87 -4.01
C ASN A 582 6.47 -5.88 -3.56
N ILE A 583 7.48 -5.73 -4.41
CA ILE A 583 8.53 -4.74 -4.21
C ILE A 583 9.06 -4.34 -5.59
N ASN A 584 9.15 -3.04 -5.84
CA ASN A 584 9.61 -2.52 -7.12
C ASN A 584 11.08 -2.15 -7.02
N VAL A 585 11.90 -2.78 -7.85
CA VAL A 585 13.35 -2.53 -7.92
C VAL A 585 13.62 -1.76 -9.21
N PRO A 586 14.40 -0.68 -9.18
CA PRO A 586 14.61 0.13 -10.38
C PRO A 586 15.31 -0.67 -11.48
N ARG A 587 15.37 -0.05 -12.66
CA ARG A 587 15.86 -0.75 -13.85
C ARG A 587 17.35 -1.02 -13.76
N ASN A 588 18.14 -0.05 -13.29
CA ASN A 588 19.59 -0.19 -13.24
C ASN A 588 20.07 -1.07 -12.09
N GLN A 589 19.17 -1.78 -11.42
CA GLN A 589 19.53 -2.70 -10.36
C GLN A 589 19.16 -4.15 -10.67
N ILE A 590 18.58 -4.41 -11.85
CA ILE A 590 18.18 -5.76 -12.24
C ILE A 590 19.03 -6.19 -13.42
N ARG A 591 19.57 -7.41 -13.34
CA ARG A 591 20.30 -8.03 -14.44
C ARG A 591 19.59 -9.35 -14.74
N ASP A 592 18.56 -9.28 -15.58
CA ASP A 592 17.73 -10.43 -15.90
C ASP A 592 18.34 -11.18 -17.08
N THR A 593 18.77 -12.42 -16.83
CA THR A 593 19.35 -13.23 -17.90
C THR A 593 18.32 -13.60 -18.96
N ALA A 594 17.02 -13.44 -18.66
CA ALA A 594 16.00 -13.70 -19.68
C ALA A 594 15.95 -12.57 -20.69
N ILE A 595 16.12 -11.33 -20.25
CA ILE A 595 16.12 -10.20 -21.17
C ILE A 595 17.44 -10.10 -21.93
N TYR A 596 18.54 -10.45 -21.26
CA TYR A 596 19.85 -10.42 -21.92
C TYR A 596 19.93 -11.48 -23.02
N PHE A 597 19.38 -12.67 -22.77
CA PHE A 597 19.36 -13.75 -23.74
C PHE A 597 18.05 -13.81 -24.50
N LEU A 598 17.42 -12.67 -24.72
CA LEU A 598 16.13 -12.58 -25.41
C LEU A 598 16.36 -12.26 -26.88
N GLN A 599 15.61 -12.95 -27.75
CA GLN A 599 15.65 -12.72 -29.19
C GLN A 599 14.21 -12.75 -29.69
N GLY A 600 13.58 -11.57 -29.72
CA GLY A 600 12.20 -11.47 -30.13
C GLY A 600 11.24 -12.14 -29.18
N LYS A 601 10.51 -13.14 -29.66
CA LYS A 601 9.58 -13.90 -28.84
C LYS A 601 10.26 -15.19 -28.37
N ARG A 602 9.48 -16.08 -27.78
CA ARG A 602 9.94 -17.40 -27.34
C ARG A 602 11.10 -17.28 -26.34
N TYR A 603 10.77 -16.72 -25.18
CA TYR A 603 11.71 -16.68 -24.06
C TYR A 603 12.19 -18.10 -23.74
N LEU A 604 13.48 -18.22 -23.45
CA LEU A 604 14.11 -19.52 -23.28
C LEU A 604 14.05 -19.98 -21.82
N SER A 605 13.89 -21.29 -21.64
CA SER A 605 13.85 -21.86 -20.30
C SER A 605 15.24 -21.83 -19.67
N LEU A 606 15.25 -21.67 -18.33
CA LEU A 606 16.52 -21.62 -17.62
C LEU A 606 17.25 -22.96 -17.70
N ARG A 607 16.53 -24.07 -17.50
CA ARG A 607 17.14 -25.39 -17.60
C ARG A 607 17.58 -25.70 -19.03
N TYR A 608 16.78 -25.29 -20.01
CA TYR A 608 17.17 -25.51 -21.40
C TYR A 608 18.34 -24.62 -21.80
N LEU A 609 18.38 -23.39 -21.28
CA LEU A 609 19.47 -22.49 -21.62
C LEU A 609 20.77 -22.92 -20.96
N ALA A 610 20.70 -23.48 -19.75
CA ALA A 610 21.91 -23.97 -19.09
C ALA A 610 22.47 -25.22 -19.79
N TYR A 611 21.60 -26.04 -20.37
CA TYR A 611 22.04 -27.24 -21.06
C TYR A 611 22.60 -26.96 -22.45
N VAL A 612 22.43 -25.75 -22.97
CA VAL A 612 22.95 -25.40 -24.29
C VAL A 612 24.08 -24.38 -24.23
N LEU A 613 24.17 -23.58 -23.16
CA LEU A 613 25.25 -22.63 -23.00
C LEU A 613 26.31 -23.09 -22.00
N LEU A 614 26.00 -24.06 -21.16
CA LEU A 614 26.94 -24.60 -20.19
C LEU A 614 26.77 -26.12 -20.15
N GLY A 615 27.34 -26.76 -19.13
CA GLY A 615 27.34 -28.20 -19.06
C GLY A 615 26.42 -28.82 -18.03
N MET A 616 25.94 -28.00 -17.08
CA MET A 616 25.11 -28.53 -16.00
C MET A 616 23.69 -28.80 -16.48
N ASN A 617 23.20 -30.00 -16.20
CA ASN A 617 21.84 -30.39 -16.58
C ASN A 617 21.43 -31.53 -15.64
N ILE A 618 20.59 -31.19 -14.67
CA ILE A 618 20.10 -32.14 -13.67
C ILE A 618 18.71 -32.65 -13.99
N GLN A 619 18.40 -32.78 -15.28
CA GLN A 619 17.16 -33.37 -15.77
C GLN A 619 15.95 -32.49 -15.46
N GLU A 620 16.19 -31.33 -14.83
CA GLU A 620 15.14 -30.35 -14.54
C GLU A 620 13.94 -30.99 -13.83
N GLY A 621 14.24 -31.69 -12.75
CA GLY A 621 13.18 -32.34 -11.97
C GLY A 621 13.07 -31.81 -10.56
N ASN A 622 11.87 -31.35 -10.19
CA ASN A 622 11.60 -30.79 -8.86
C ASN A 622 12.55 -29.62 -8.57
N HIS A 623 12.32 -28.56 -9.33
CA HIS A 623 13.18 -27.37 -9.31
C HIS A 623 13.45 -26.90 -7.88
N ASP A 624 14.64 -26.35 -7.68
CA ASP A 624 15.03 -25.80 -6.40
C ASP A 624 15.58 -24.40 -6.62
N SER A 625 15.20 -23.48 -5.72
CA SER A 625 15.58 -22.07 -5.90
C SER A 625 17.08 -21.86 -5.71
N ILE A 626 17.72 -22.65 -4.84
CA ILE A 626 19.16 -22.52 -4.64
C ILE A 626 19.91 -22.85 -5.91
N GLU A 627 19.38 -23.75 -6.73
CA GLU A 627 20.01 -24.08 -8.01
C GLU A 627 19.68 -23.04 -9.06
N ASP A 628 18.40 -22.67 -9.19
CA ASP A 628 18.00 -21.71 -10.21
C ASP A 628 18.67 -20.35 -10.00
N ALA A 629 18.98 -20.00 -8.75
CA ALA A 629 19.67 -18.74 -8.49
C ALA A 629 21.17 -18.85 -8.74
N HIS A 630 21.73 -20.06 -8.63
CA HIS A 630 23.16 -20.23 -8.85
C HIS A 630 23.49 -20.31 -10.34
N THR A 631 22.69 -21.03 -11.12
CA THR A 631 22.91 -21.08 -12.56
C THR A 631 22.64 -19.71 -13.20
N ALA A 632 21.66 -18.97 -12.67
CA ALA A 632 21.41 -17.62 -13.19
C ALA A 632 22.58 -16.69 -12.90
N LEU A 633 23.35 -16.97 -11.84
CA LEU A 633 24.51 -16.14 -11.55
C LEU A 633 25.61 -16.34 -12.58
N ILE A 634 25.95 -17.60 -12.86
CA ILE A 634 27.03 -17.86 -13.82
C ILE A 634 26.57 -17.59 -15.24
N LEU A 635 25.28 -17.74 -15.53
CA LEU A 635 24.75 -17.35 -16.83
C LEU A 635 24.99 -15.87 -17.08
N TYR A 636 24.82 -15.04 -16.05
CA TYR A 636 25.20 -13.64 -16.15
C TYR A 636 26.69 -13.50 -16.39
N LYS A 637 27.51 -14.25 -15.65
CA LYS A 637 28.95 -14.21 -15.83
C LYS A 637 29.34 -14.64 -17.24
N LYS A 638 28.63 -15.62 -17.80
CA LYS A 638 28.86 -16.01 -19.19
C LYS A 638 28.41 -14.92 -20.16
N TYR A 639 27.48 -14.06 -19.76
CA TYR A 639 27.04 -12.97 -20.62
C TYR A 639 28.12 -11.90 -20.76
N LEU A 640 28.75 -11.52 -19.64
CA LEU A 640 29.82 -10.54 -19.71
C LEU A 640 31.01 -11.06 -20.52
N HIS A 641 31.28 -12.36 -20.46
CA HIS A 641 32.30 -12.96 -21.30
C HIS A 641 31.96 -12.78 -22.77
N LEU A 642 30.80 -13.29 -23.20
CA LEU A 642 30.37 -13.14 -24.58
C LEU A 642 30.14 -11.68 -24.97
N LYS A 643 30.10 -10.76 -24.01
CA LYS A 643 29.97 -9.34 -24.30
C LYS A 643 31.31 -8.61 -24.30
N GLU A 644 32.25 -9.02 -23.45
CA GLU A 644 33.59 -8.42 -23.47
C GLU A 644 34.25 -8.64 -24.82
N LYS A 645 34.35 -9.90 -25.24
CA LYS A 645 34.70 -10.22 -26.62
C LYS A 645 33.46 -10.13 -27.48
N ALA A 646 33.62 -9.69 -28.73
CA ALA A 646 32.48 -9.47 -29.60
C ALA A 646 31.90 -10.80 -30.08
N ILE A 647 31.24 -11.52 -29.17
CA ILE A 647 30.74 -12.86 -29.44
C ILE A 647 29.23 -12.94 -29.27
N PHE A 648 28.68 -12.31 -28.22
CA PHE A 648 27.30 -12.54 -27.80
C PHE A 648 26.31 -12.43 -28.96
N GLU A 649 26.46 -11.39 -29.79
CA GLU A 649 25.54 -11.21 -30.91
C GLU A 649 25.57 -12.40 -31.86
N LYS A 650 26.76 -12.98 -32.07
CA LYS A 650 26.86 -14.13 -32.97
C LYS A 650 26.27 -15.38 -32.32
N VAL A 651 26.58 -15.62 -31.05
CA VAL A 651 26.03 -16.79 -30.36
C VAL A 651 24.54 -16.62 -30.08
N LEU A 652 24.07 -15.36 -29.98
CA LEU A 652 22.64 -15.12 -29.75
C LEU A 652 21.78 -15.77 -30.82
N ASN A 653 22.27 -15.85 -32.05
CA ASN A 653 21.58 -16.58 -33.10
C ASN A 653 22.03 -18.03 -33.19
N SER A 654 23.22 -18.35 -32.68
CA SER A 654 23.68 -19.74 -32.71
C SER A 654 22.79 -20.64 -31.88
N VAL A 655 22.31 -20.14 -30.74
CA VAL A 655 21.39 -20.93 -29.91
C VAL A 655 20.04 -21.02 -30.58
N TYR A 656 19.64 -20.01 -31.35
CA TYR A 656 18.35 -20.02 -32.01
C TYR A 656 18.27 -21.14 -33.05
N GLU A 657 19.30 -21.26 -33.89
CA GLU A 657 19.30 -22.31 -34.90
C GLU A 657 19.31 -23.70 -34.26
N GLU A 658 20.04 -23.86 -33.16
CA GLU A 658 20.04 -25.13 -32.45
C GLU A 658 18.74 -25.36 -31.69
N GLY A 659 17.95 -24.32 -31.46
CA GLY A 659 16.68 -24.46 -30.76
C GLY A 659 15.52 -24.65 -31.70
N ARG A 660 15.50 -23.90 -32.81
CA ARG A 660 14.42 -24.02 -33.78
C ARG A 660 14.42 -25.40 -34.43
N ALA A 661 15.60 -25.96 -34.67
CA ALA A 661 15.72 -27.27 -35.32
C ALA A 661 15.59 -28.43 -34.35
N HIS A 662 15.55 -28.15 -33.04
CA HIS A 662 15.44 -29.20 -32.03
C HIS A 662 14.19 -29.06 -31.17
N ASN A 663 13.27 -28.17 -31.55
CA ASN A 663 12.01 -27.94 -30.83
C ASN A 663 12.24 -27.53 -29.38
N PHE A 664 13.41 -26.95 -29.08
CA PHE A 664 13.74 -26.47 -27.74
C PHE A 664 13.65 -27.60 -26.71
N LYS A 665 14.27 -28.73 -27.04
CA LYS A 665 14.26 -29.90 -26.18
C LYS A 665 15.69 -30.34 -25.88
N VAL A 666 15.83 -31.07 -24.77
CA VAL A 666 17.14 -31.56 -24.35
C VAL A 666 17.52 -32.82 -25.12
#